data_4GF4
#
_entry.id   4GF4
#
_cell.length_a   79.037
_cell.length_b   122.592
_cell.length_c   135.581
_cell.angle_alpha   90.00
_cell.angle_beta   90.00
_cell.angle_gamma   90.00
#
_symmetry.space_group_name_H-M   'I 2 2 2'
#
loop_
_entity.id
_entity.type
_entity.pdbx_description
1 polymer 'Porin B'
2 non-polymer (HYDROXYETHYLOXY)TRI(ETHYLOXY)OCTANE
#
_entity_poly.entity_id   1
_entity_poly.type   'polypeptide(L)'
_entity_poly.pdbx_seq_one_letter_code
;ANVRLQHHHHHHHLEAEAFSSESKW(MSE)TGDWGGTRTELLDKGYDFTLDYVGEVAGNLHGGYNDDKTARYSDQFALGA
HLDLQKILGWHDAEFKLAITERSGRNLSNDRISDPRAGQFSSVQEVWGRGQTWRLTQ(MSE)WIKQKYFDGALDVKFGRF
GEGEDFNSFPCDFQNLAFCGSQVGNWVGGIWYNWPVSQWALRVKYNITPAFFVQVGAFEQNPSNLETGNGFKLSGSGTKG
AI(MSE)P(MSE)EAVWSPKVNGLPGEYRLGYYYSTAKADDVYDDVNGNPQALTGEAFKSHSSKHGWWVVAQQQVTAHGG
DVNRGLSLFANFTVHDKATNVVDNYQQVGLVYKGAFDARPKDDIGFGVARIHVNDDVKKRAELLNAQSGINDYDNPGFVP
LQRTEYNAELYYGFHVTNWLTVRPNLQYIKSPGGVDEVDNALVAG(MSE)K(MSE)QSSF
;
_entity_poly.pdbx_strand_id   A
#
loop_
_chem_comp.id
_chem_comp.type
_chem_comp.name
_chem_comp.formula
C8E non-polymer (HYDROXYETHYLOXY)TRI(ETHYLOXY)OCTANE 'C16 H34 O5'
#
# COMPACT_ATOMS: atom_id res chain seq x y z
N PHE A 19 0.63 0.62 25.66
CA PHE A 19 0.39 1.56 24.56
C PHE A 19 1.43 2.66 24.68
N SER A 20 2.69 2.33 24.42
CA SER A 20 3.78 3.31 24.46
C SER A 20 3.55 4.52 23.53
N SER A 21 4.61 5.15 23.03
CA SER A 21 4.42 6.37 22.23
C SER A 21 5.58 6.85 21.35
N GLU A 22 6.58 6.02 21.12
CA GLU A 22 7.65 6.43 20.22
C GLU A 22 8.25 5.22 19.54
N SER A 23 7.63 4.08 19.77
CA SER A 23 8.01 2.84 19.11
C SER A 23 7.08 2.63 17.93
N LYS A 24 7.47 1.71 17.04
CA LYS A 24 6.60 1.31 15.95
C LYS A 24 5.52 0.41 16.52
N TRP A 25 5.45 0.34 17.86
CA TRP A 25 4.88 -0.79 18.56
C TRP A 25 3.89 -0.41 19.66
N MSE A 26 2.61 -0.62 19.39
CA MSE A 26 1.59 -0.22 20.34
C MSE A 26 1.73 -1.02 21.60
O MSE A 26 1.61 -0.49 22.70
CB MSE A 26 0.19 -0.42 19.78
CG MSE A 26 -0.89 0.10 20.70
SE MSE A 26 -2.69 -0.26 20.10
CE MSE A 26 -2.88 -2.04 20.87
N THR A 27 1.99 -2.30 21.45
CA THR A 27 2.04 -3.19 22.58
C THR A 27 3.45 -3.30 23.11
N GLY A 28 4.24 -2.23 22.93
CA GLY A 28 5.55 -2.13 23.55
C GLY A 28 6.50 -3.22 23.12
N ASP A 29 7.49 -3.55 23.97
CA ASP A 29 8.42 -4.62 23.63
C ASP A 29 8.22 -5.89 24.44
N TRP A 30 7.09 -6.00 25.14
CA TRP A 30 6.76 -7.18 25.93
C TRP A 30 7.81 -7.52 27.00
N GLY A 31 8.34 -6.52 27.67
CA GLY A 31 9.33 -6.75 28.72
C GLY A 31 10.71 -7.07 28.19
N GLY A 32 10.89 -6.93 26.88
CA GLY A 32 12.15 -7.23 26.22
C GLY A 32 12.19 -8.59 25.53
N THR A 33 11.08 -9.33 25.55
CA THR A 33 11.05 -10.65 24.94
C THR A 33 10.61 -10.57 23.48
N ARG A 34 10.50 -9.34 22.99
CA ARG A 34 10.23 -9.08 21.58
C ARG A 34 11.54 -8.68 20.92
N THR A 35 12.25 -7.79 21.60
CA THR A 35 13.58 -7.40 21.22
C THR A 35 14.55 -8.58 21.30
N GLU A 36 14.23 -9.55 22.16
CA GLU A 36 15.01 -10.78 22.25
C GLU A 36 14.63 -11.69 21.08
N LEU A 37 13.33 -11.75 20.82
CA LEU A 37 12.84 -12.52 19.68
C LEU A 37 13.43 -11.99 18.37
N LEU A 38 13.45 -10.68 18.18
CA LEU A 38 14.13 -10.11 17.03
C LEU A 38 15.61 -10.58 16.95
N ASP A 39 16.25 -10.69 18.09
CA ASP A 39 17.62 -11.18 18.18
C ASP A 39 17.73 -12.62 17.66
N LYS A 40 16.92 -13.53 18.22
CA LYS A 40 16.85 -14.91 17.73
C LYS A 40 16.30 -14.98 16.29
N GLY A 41 15.94 -13.82 15.72
CA GLY A 41 15.56 -13.73 14.32
C GLY A 41 14.07 -13.75 13.98
N TYR A 42 13.22 -13.56 14.97
CA TYR A 42 11.77 -13.55 14.75
C TYR A 42 11.21 -12.13 14.86
N ASP A 43 10.37 -11.76 13.90
CA ASP A 43 9.78 -10.43 13.86
C ASP A 43 8.26 -10.50 13.61
N PHE A 44 7.50 -10.43 14.69
CA PHE A 44 6.05 -10.52 14.59
C PHE A 44 5.38 -9.15 14.45
N THR A 45 4.36 -9.08 13.60
CA THR A 45 3.69 -7.82 13.35
C THR A 45 2.19 -8.02 13.31
N LEU A 46 1.48 -7.04 13.86
CA LEU A 46 0.05 -6.97 13.72
C LEU A 46 -0.21 -5.54 13.36
N ASP A 47 -0.79 -5.35 12.17
CA ASP A 47 -1.07 -4.03 11.65
C ASP A 47 -2.55 -3.89 11.40
N TYR A 48 -3.16 -2.90 12.03
CA TYR A 48 -4.59 -2.68 11.94
C TYR A 48 -4.89 -1.44 11.12
N VAL A 49 -5.90 -1.56 10.25
CA VAL A 49 -6.38 -0.47 9.44
C VAL A 49 -7.89 -0.41 9.59
N GLY A 50 -8.36 0.57 10.36
CA GLY A 50 -9.78 0.82 10.53
C GLY A 50 -10.28 1.93 9.62
N GLU A 51 -11.58 1.93 9.34
CA GLU A 51 -12.14 2.89 8.42
C GLU A 51 -13.64 3.18 8.63
N VAL A 52 -14.00 4.45 8.76
CA VAL A 52 -15.40 4.91 8.72
C VAL A 52 -15.61 5.82 7.53
N ALA A 53 -16.75 5.70 6.86
CA ALA A 53 -17.10 6.65 5.80
C ALA A 53 -18.58 6.70 5.56
N GLY A 54 -19.10 7.91 5.40
CA GLY A 54 -20.47 8.08 4.98
C GLY A 54 -20.54 9.16 3.95
N ASN A 55 -21.63 9.21 3.19
CA ASN A 55 -21.89 10.36 2.34
C ASN A 55 -22.81 11.41 3.03
N LEU A 56 -22.93 12.59 2.43
CA LEU A 56 -23.62 13.73 3.05
C LEU A 56 -24.93 14.09 2.34
N ASP A 62 -32.74 11.09 -3.26
CA ASP A 62 -32.23 11.17 -1.89
C ASP A 62 -31.70 9.83 -1.34
N ASP A 63 -30.38 9.73 -1.14
CA ASP A 63 -29.74 8.48 -0.72
C ASP A 63 -28.64 8.66 0.33
N LYS A 64 -28.87 8.19 1.55
CA LYS A 64 -27.85 8.18 2.60
C LYS A 64 -27.08 6.85 2.64
N THR A 65 -25.80 6.91 3.01
CA THR A 65 -24.97 5.70 3.05
C THR A 65 -23.90 5.76 4.13
N ALA A 66 -23.61 4.62 4.75
CA ALA A 66 -22.62 4.54 5.80
C ALA A 66 -21.88 3.21 5.72
N ARG A 67 -20.56 3.25 5.79
CA ARG A 67 -19.75 2.03 5.75
C ARG A 67 -18.66 2.08 6.81
N TYR A 68 -18.42 0.96 7.48
CA TYR A 68 -17.12 0.78 8.14
C TYR A 68 -16.43 -0.56 7.84
N SER A 69 -15.14 -0.63 8.16
CA SER A 69 -14.35 -1.83 7.91
C SER A 69 -13.11 -1.87 8.81
N ASP A 70 -13.00 -2.93 9.59
CA ASP A 70 -11.81 -3.14 10.39
C ASP A 70 -10.95 -4.12 9.62
N GLN A 71 -9.63 -3.97 9.69
CA GLN A 71 -8.73 -4.96 9.08
C GLN A 71 -7.46 -5.24 9.88
N PHE A 72 -7.15 -6.52 10.07
CA PHE A 72 -5.91 -6.91 10.71
C PHE A 72 -4.99 -7.65 9.74
N ALA A 73 -3.69 -7.44 9.91
CA ALA A 73 -2.69 -8.08 9.09
C ALA A 73 -1.61 -8.75 9.96
N LEU A 74 -1.83 -10.02 10.30
CA LEU A 74 -0.91 -10.79 11.11
C LEU A 74 0.25 -11.25 10.26
N GLY A 75 1.47 -11.07 10.75
CA GLY A 75 2.63 -11.40 9.95
C GLY A 75 3.83 -11.94 10.70
N ALA A 76 4.42 -13.00 10.16
CA ALA A 76 5.62 -13.57 10.70
C ALA A 76 6.75 -13.39 9.71
N HIS A 77 7.84 -12.80 10.16
CA HIS A 77 8.99 -12.59 9.32
C HIS A 77 10.30 -13.11 9.95
N LEU A 78 10.67 -14.33 9.54
CA LEU A 78 11.82 -15.06 10.09
C LEU A 78 13.12 -14.84 9.32
N ASP A 79 14.16 -14.41 10.03
CA ASP A 79 15.51 -14.31 9.47
C ASP A 79 16.08 -15.71 9.42
N LEU A 80 16.12 -16.32 8.23
CA LEU A 80 16.48 -17.75 8.11
C LEU A 80 17.96 -18.06 8.39
N GLN A 81 18.84 -17.09 8.20
CA GLN A 81 20.27 -17.24 8.50
C GLN A 81 20.52 -17.36 10.00
N LYS A 82 19.79 -16.57 10.80
CA LYS A 82 19.93 -16.60 12.26
C LYS A 82 19.15 -17.74 12.88
N ILE A 83 18.29 -18.38 12.10
CA ILE A 83 17.44 -19.47 12.61
C ILE A 83 17.89 -20.82 12.12
N LEU A 84 18.17 -20.90 10.82
CA LEU A 84 18.33 -22.17 10.12
C LEU A 84 19.73 -22.41 9.57
N GLY A 85 20.59 -21.38 9.54
CA GLY A 85 21.89 -21.50 8.90
C GLY A 85 21.88 -21.14 7.41
N TRP A 86 20.72 -21.29 6.78
CA TRP A 86 20.36 -20.74 5.47
C TRP A 86 20.95 -19.33 5.26
N HIS A 87 22.16 -19.21 4.75
CA HIS A 87 22.79 -17.89 4.57
C HIS A 87 22.00 -16.92 3.68
N ASP A 88 21.76 -15.72 4.21
CA ASP A 88 21.08 -14.62 3.52
C ASP A 88 19.65 -14.88 3.05
N ALA A 89 18.89 -15.58 3.88
CA ALA A 89 17.56 -16.02 3.49
C ALA A 89 16.51 -15.55 4.47
N GLU A 90 15.34 -15.21 3.95
CA GLU A 90 14.26 -14.71 4.76
C GLU A 90 13.06 -15.59 4.49
N PHE A 91 12.26 -15.83 5.50
CA PHE A 91 10.95 -16.41 5.25
C PHE A 91 9.90 -15.44 5.76
N LYS A 92 8.71 -15.44 5.14
CA LYS A 92 7.67 -14.49 5.51
C LYS A 92 6.28 -15.09 5.38
N LEU A 93 5.55 -15.10 6.49
CA LEU A 93 4.19 -15.61 6.50
C LEU A 93 3.22 -14.53 6.95
N ALA A 94 2.17 -14.32 6.17
CA ALA A 94 1.20 -13.25 6.46
C ALA A 94 -0.24 -13.69 6.22
N ILE A 95 -1.08 -13.44 7.22
CA ILE A 95 -2.52 -13.75 7.19
C ILE A 95 -3.33 -12.47 7.49
N THR A 96 -4.29 -12.13 6.63
CA THR A 96 -5.11 -10.96 6.92
C THR A 96 -6.61 -11.24 7.08
N GLU A 97 -7.22 -10.64 8.10
CA GLU A 97 -8.66 -10.70 8.26
C GLU A 97 -9.22 -9.30 8.09
N ARG A 98 -10.38 -9.23 7.45
CA ARG A 98 -11.10 -7.99 7.28
C ARG A 98 -12.57 -8.27 7.55
N SER A 99 -13.24 -7.32 8.19
CA SER A 99 -14.66 -7.42 8.43
C SER A 99 -15.26 -6.03 8.32
N GLY A 100 -16.50 -5.95 7.84
CA GLY A 100 -17.14 -4.66 7.70
C GLY A 100 -18.63 -4.71 7.48
N ARG A 101 -19.35 -3.86 8.22
CA ARG A 101 -20.77 -3.66 7.98
C ARG A 101 -21.00 -2.42 7.09
N ASN A 102 -22.08 -2.43 6.31
CA ASN A 102 -22.44 -1.27 5.50
C ASN A 102 -23.95 -1.04 5.55
N LEU A 103 -24.39 0.11 5.07
CA LEU A 103 -25.79 0.49 5.15
C LEU A 103 -26.08 1.49 4.06
N SER A 104 -27.31 1.49 3.54
CA SER A 104 -27.76 2.58 2.69
C SER A 104 -29.28 2.74 2.74
N ASN A 105 -29.76 3.95 2.47
CA ASN A 105 -31.16 4.31 2.64
C ASN A 105 -31.66 5.17 1.50
N ASP A 106 -32.40 4.58 0.57
CA ASP A 106 -32.85 5.27 -0.67
C ASP A 106 -34.29 5.82 -0.64
N ARG A 107 -34.47 7.05 -1.14
CA ARG A 107 -35.80 7.70 -1.26
C ARG A 107 -35.97 8.39 -2.61
N PHE A 116 -44.05 7.28 -8.18
CA PHE A 116 -43.50 8.18 -7.19
C PHE A 116 -43.71 7.58 -5.82
N SER A 117 -42.75 7.80 -4.91
CA SER A 117 -42.72 7.27 -3.53
C SER A 117 -42.14 5.85 -3.36
N SER A 118 -40.84 5.77 -3.11
CA SER A 118 -40.18 4.48 -2.90
C SER A 118 -39.02 4.52 -1.89
N VAL A 119 -39.05 3.61 -0.93
CA VAL A 119 -38.04 3.54 0.13
C VAL A 119 -37.40 2.15 0.11
N GLN A 120 -36.07 2.10 0.08
CA GLN A 120 -35.37 0.82 0.16
C GLN A 120 -34.12 0.98 1.00
N GLU A 121 -34.11 0.36 2.18
CA GLU A 121 -32.95 0.38 3.05
C GLU A 121 -32.22 -0.94 2.91
N VAL A 122 -30.90 -0.93 2.88
CA VAL A 122 -30.14 -2.19 2.79
C VAL A 122 -28.97 -2.28 3.78
N TRP A 123 -28.98 -3.32 4.63
CA TRP A 123 -27.89 -3.58 5.57
C TRP A 123 -27.02 -4.74 5.10
N GLY A 124 -25.76 -4.76 5.54
CA GLY A 124 -24.88 -5.88 5.23
C GLY A 124 -23.65 -5.98 6.11
N ARG A 125 -23.38 -7.16 6.69
CA ARG A 125 -22.08 -7.42 7.32
C ARG A 125 -21.26 -8.45 6.52
N GLY A 126 -19.97 -8.50 6.76
CA GLY A 126 -19.12 -9.45 6.07
C GLY A 126 -17.75 -9.60 6.73
N GLN A 127 -17.23 -10.82 6.78
CA GLN A 127 -15.90 -11.09 7.31
C GLN A 127 -15.07 -11.89 6.31
N THR A 128 -13.79 -11.55 6.17
CA THR A 128 -12.93 -12.29 5.24
C THR A 128 -11.57 -12.63 5.83
N TRP A 129 -11.16 -13.88 5.67
CA TRP A 129 -9.83 -14.36 6.06
C TRP A 129 -9.07 -14.74 4.81
N ARG A 130 -7.81 -14.31 4.68
CA ARG A 130 -7.00 -14.81 3.57
C ARG A 130 -5.50 -14.90 3.84
N LEU A 131 -4.89 -15.89 3.22
CA LEU A 131 -3.45 -16.10 3.29
C LEU A 131 -2.79 -15.21 2.27
N THR A 132 -2.12 -14.17 2.75
CA THR A 132 -1.66 -13.10 1.89
C THR A 132 -0.23 -13.29 1.45
N GLN A 133 0.61 -13.78 2.35
CA GLN A 133 2.00 -14.05 2.00
C GLN A 133 2.50 -15.37 2.58
N MSE A 134 3.31 -16.06 1.79
CA MSE A 134 4.09 -17.18 2.28
C MSE A 134 5.22 -17.36 1.29
O MSE A 134 5.03 -17.84 0.18
CB MSE A 134 3.25 -18.45 2.38
CG MSE A 134 4.06 -19.72 2.51
SE MSE A 134 3.06 -21.18 3.35
CE MSE A 134 1.49 -21.23 2.18
N TRP A 135 6.41 -16.92 1.67
CA TRP A 135 7.49 -16.98 0.72
C TRP A 135 8.89 -16.98 1.32
N ILE A 136 9.82 -17.53 0.55
CA ILE A 136 11.24 -17.46 0.89
C ILE A 136 11.94 -16.43 -0.02
N LYS A 137 12.83 -15.65 0.57
CA LYS A 137 13.62 -14.66 -0.17
C LYS A 137 15.10 -14.89 0.11
N GLN A 138 15.93 -14.73 -0.90
CA GLN A 138 17.34 -14.92 -0.69
C GLN A 138 18.12 -13.95 -1.52
N LYS A 139 18.99 -13.20 -0.86
CA LYS A 139 19.85 -12.25 -1.56
C LYS A 139 21.06 -13.06 -1.90
N TYR A 140 21.52 -12.96 -3.15
CA TYR A 140 22.73 -13.64 -3.53
C TYR A 140 23.78 -12.58 -3.60
N PHE A 141 24.29 -12.38 -4.81
CA PHE A 141 25.47 -11.56 -5.07
C PHE A 141 25.79 -10.40 -4.13
N ASP A 142 25.83 -10.70 -2.83
CA ASP A 142 26.14 -9.71 -1.81
C ASP A 142 25.20 -8.51 -1.81
N GLY A 143 23.97 -8.73 -2.25
CA GLY A 143 22.98 -7.66 -2.30
C GLY A 143 22.39 -7.42 -3.67
N ALA A 144 23.25 -7.48 -4.68
CA ALA A 144 22.87 -7.19 -6.05
C ALA A 144 21.68 -8.03 -6.53
N LEU A 145 21.56 -9.26 -6.06
CA LEU A 145 20.50 -10.13 -6.57
C LEU A 145 19.59 -10.57 -5.47
N ASP A 146 18.32 -10.62 -5.80
CA ASP A 146 17.28 -10.79 -4.81
C ASP A 146 16.26 -11.75 -5.41
N VAL A 147 16.25 -13.01 -4.97
CA VAL A 147 15.27 -13.94 -5.51
C VAL A 147 14.15 -14.24 -4.50
N LYS A 148 12.91 -14.02 -4.94
CA LYS A 148 11.75 -14.16 -4.07
C LYS A 148 10.76 -15.18 -4.61
N PHE A 149 10.55 -16.27 -3.86
CA PHE A 149 9.64 -17.31 -4.35
C PHE A 149 8.62 -17.71 -3.31
N GLY A 150 7.38 -17.92 -3.77
CA GLY A 150 6.34 -18.34 -2.87
C GLY A 150 4.93 -17.93 -3.27
N ARG A 151 4.15 -17.57 -2.27
CA ARG A 151 2.81 -17.09 -2.53
C ARG A 151 2.76 -15.60 -2.12
N PHE A 152 2.39 -14.77 -3.10
CA PHE A 152 2.28 -13.34 -2.90
C PHE A 152 1.69 -12.75 -4.17
N GLY A 153 1.29 -11.47 -4.15
CA GLY A 153 0.73 -10.84 -5.33
C GLY A 153 1.74 -9.97 -6.06
N GLU A 154 1.38 -9.49 -7.26
CA GLU A 154 2.20 -8.54 -8.00
C GLU A 154 2.22 -7.21 -7.28
N GLY A 155 1.22 -6.97 -6.44
CA GLY A 155 1.06 -5.67 -5.81
C GLY A 155 2.12 -5.37 -4.79
N GLU A 156 2.91 -6.39 -4.50
CA GLU A 156 3.82 -6.35 -3.37
C GLU A 156 5.20 -5.83 -3.76
N ASP A 157 5.46 -5.82 -5.07
CA ASP A 157 6.78 -5.50 -5.65
C ASP A 157 6.68 -4.64 -6.91
N PHE A 158 5.47 -4.52 -7.48
CA PHE A 158 5.27 -3.72 -8.72
C PHE A 158 4.18 -2.62 -8.58
N ASN A 159 4.41 -1.48 -9.23
CA ASN A 159 3.53 -0.29 -9.27
C ASN A 159 3.76 0.73 -8.16
N SER A 160 2.67 1.02 -7.43
CA SER A 160 2.49 2.11 -6.42
C SER A 160 1.83 3.38 -6.99
N ASN A 185 -9.39 -8.54 -0.75
CA ASN A 185 -9.55 -8.01 -2.10
C ASN A 185 -8.21 -7.58 -2.72
N TRP A 186 -8.07 -7.85 -4.03
CA TRP A 186 -6.90 -7.47 -4.83
C TRP A 186 -5.72 -8.51 -4.71
N PRO A 187 -5.47 -9.26 -5.81
CA PRO A 187 -5.05 -10.66 -6.00
C PRO A 187 -3.79 -11.23 -5.33
N VAL A 188 -3.83 -12.55 -5.12
CA VAL A 188 -2.67 -13.28 -4.62
C VAL A 188 -2.45 -14.58 -5.38
N SER A 189 -1.27 -14.73 -5.96
CA SER A 189 -0.93 -15.85 -6.84
C SER A 189 -0.54 -17.08 -6.05
N GLN A 190 -0.97 -18.27 -6.48
CA GLN A 190 -0.63 -19.52 -5.79
C GLN A 190 0.87 -19.83 -5.75
N TRP A 191 1.58 -19.68 -6.88
CA TRP A 191 3.03 -19.59 -6.89
C TRP A 191 3.44 -18.29 -7.60
N ALA A 192 4.58 -17.74 -7.24
CA ALA A 192 4.99 -16.43 -7.72
C ALA A 192 6.47 -16.29 -7.51
N LEU A 193 7.12 -15.60 -8.44
CA LEU A 193 8.57 -15.50 -8.42
C LEU A 193 8.95 -14.10 -8.87
N ARG A 194 9.93 -13.50 -8.19
CA ARG A 194 10.38 -12.15 -8.53
C ARG A 194 11.87 -12.04 -8.36
N VAL A 195 12.57 -11.69 -9.44
CA VAL A 195 14.02 -11.50 -9.40
C VAL A 195 14.32 -10.01 -9.49
N LYS A 196 15.09 -9.51 -8.52
CA LYS A 196 15.33 -8.08 -8.39
C LYS A 196 16.82 -7.80 -8.47
N TYR A 197 17.21 -6.94 -9.42
CA TYR A 197 18.61 -6.65 -9.65
C TYR A 197 18.97 -5.23 -9.22
N ASN A 198 19.64 -5.11 -8.08
CA ASN A 198 20.03 -3.83 -7.52
C ASN A 198 21.28 -3.30 -8.18
N ILE A 199 21.12 -2.63 -9.33
CA ILE A 199 22.23 -2.02 -10.09
C ILE A 199 23.04 -0.92 -9.35
N THR A 200 22.35 0.14 -8.94
CA THR A 200 22.94 1.18 -8.08
C THR A 200 22.18 1.15 -6.77
N PRO A 201 22.60 1.94 -5.76
CA PRO A 201 21.72 1.86 -4.59
C PRO A 201 20.44 2.62 -4.83
N ALA A 202 20.39 3.39 -5.91
CA ALA A 202 19.20 4.17 -6.19
C ALA A 202 18.56 3.74 -7.48
N PHE A 203 18.91 2.57 -7.97
CA PHE A 203 18.31 2.13 -9.21
C PHE A 203 18.28 0.61 -9.35
N PHE A 204 17.14 0.09 -9.80
CA PHE A 204 17.03 -1.35 -9.95
C PHE A 204 16.03 -1.80 -11.01
N VAL A 205 16.26 -2.99 -11.55
CA VAL A 205 15.30 -3.63 -12.44
C VAL A 205 14.85 -4.95 -11.81
N GLN A 206 13.63 -5.38 -12.11
CA GLN A 206 13.10 -6.59 -11.52
C GLN A 206 12.14 -7.20 -12.49
N VAL A 207 11.97 -8.51 -12.40
CA VAL A 207 11.16 -9.25 -13.35
C VAL A 207 10.45 -10.36 -12.59
N GLY A 208 9.37 -10.87 -13.14
CA GLY A 208 8.54 -11.77 -12.37
C GLY A 208 7.65 -12.76 -13.09
N ALA A 209 7.12 -13.73 -12.35
CA ALA A 209 6.11 -14.63 -12.88
C ALA A 209 5.12 -15.00 -11.79
N PHE A 210 3.85 -15.05 -12.18
CA PHE A 210 2.73 -15.10 -11.24
C PHE A 210 1.66 -16.01 -11.80
N GLU A 211 0.82 -16.55 -10.92
CA GLU A 211 -0.22 -17.54 -11.25
C GLU A 211 -1.15 -17.22 -12.45
N GLN A 212 -2.44 -17.06 -12.20
CA GLN A 212 -3.42 -17.00 -13.27
C GLN A 212 -3.25 -15.74 -14.13
N THR A 230 -2.98 -22.26 -14.92
CA THR A 230 -2.07 -23.36 -15.27
C THR A 230 -1.67 -23.39 -16.76
N LYS A 231 -2.28 -22.52 -17.56
CA LYS A 231 -1.93 -22.44 -18.97
C LYS A 231 -1.24 -21.12 -19.29
N GLY A 232 -0.83 -20.38 -18.26
CA GLY A 232 -0.20 -19.08 -18.45
C GLY A 232 0.28 -18.41 -17.18
N ALA A 233 1.26 -17.52 -17.34
CA ALA A 233 1.78 -16.77 -16.22
C ALA A 233 1.81 -15.28 -16.58
N ILE A 234 1.71 -14.41 -15.57
CA ILE A 234 1.84 -12.98 -15.79
C ILE A 234 3.27 -12.51 -15.52
N MSE A 235 3.95 -12.02 -16.58
CA MSE A 235 5.36 -11.62 -16.52
C MSE A 235 5.49 -10.12 -16.50
O MSE A 235 5.41 -9.47 -17.52
CB MSE A 235 6.13 -12.13 -17.74
CG MSE A 235 5.68 -13.47 -18.35
SE MSE A 235 6.29 -15.09 -17.46
CE MSE A 235 8.23 -14.91 -17.71
N PRO A 236 5.72 -9.55 -15.31
CA PRO A 236 6.00 -8.11 -15.23
C PRO A 236 7.49 -7.79 -15.17
N MSE A 237 7.86 -6.65 -15.74
CA MSE A 237 9.20 -6.10 -15.57
C MSE A 237 8.98 -4.65 -15.18
O MSE A 237 7.96 -4.07 -15.54
CB MSE A 237 9.95 -6.15 -16.88
CG MSE A 237 9.49 -7.26 -17.81
SE MSE A 237 9.64 -6.80 -19.69
CE MSE A 237 11.45 -6.08 -19.58
N GLU A 238 9.94 -4.07 -14.48
CA GLU A 238 9.83 -2.72 -13.97
C GLU A 238 11.21 -2.13 -13.69
N ALA A 239 11.47 -0.92 -14.17
CA ALA A 239 12.63 -0.19 -13.67
C ALA A 239 12.17 0.77 -12.58
N VAL A 240 13.01 0.92 -11.55
CA VAL A 240 12.70 1.73 -10.38
C VAL A 240 13.90 2.60 -10.02
N TRP A 241 13.79 3.90 -10.27
CA TRP A 241 14.88 4.84 -10.07
C TRP A 241 14.57 5.67 -8.85
N SER A 242 15.50 5.78 -7.92
CA SER A 242 15.24 6.55 -6.69
C SER A 242 16.24 7.66 -6.48
N PRO A 243 16.29 8.60 -7.42
CA PRO A 243 17.34 9.62 -7.39
C PRO A 243 17.16 10.70 -6.32
N LYS A 244 18.25 11.40 -6.01
CA LYS A 244 18.14 12.60 -5.23
C LYS A 244 18.18 13.79 -6.21
N VAL A 245 17.01 14.35 -6.52
CA VAL A 245 16.95 15.57 -7.32
C VAL A 245 17.01 16.81 -6.42
N ASN A 246 18.12 17.55 -6.53
CA ASN A 246 18.46 18.63 -5.59
C ASN A 246 18.43 18.19 -4.13
N GLY A 247 19.05 17.05 -3.85
CA GLY A 247 19.10 16.53 -2.50
C GLY A 247 17.76 16.23 -1.86
N LEU A 248 16.70 16.23 -2.68
CA LEU A 248 15.41 15.79 -2.18
C LEU A 248 15.04 14.43 -2.78
N PRO A 249 14.39 13.58 -1.98
CA PRO A 249 14.07 12.21 -2.38
C PRO A 249 13.01 12.15 -3.48
N GLY A 250 13.29 11.40 -4.55
CA GLY A 250 12.29 11.18 -5.58
C GLY A 250 12.27 9.74 -6.05
N GLU A 251 11.17 9.34 -6.70
CA GLU A 251 11.00 7.93 -7.05
C GLU A 251 10.26 7.69 -8.37
N TYR A 252 10.93 7.04 -9.31
CA TYR A 252 10.34 6.84 -10.62
C TYR A 252 10.21 5.37 -10.99
N ARG A 253 9.16 5.04 -11.72
CA ARG A 253 8.83 3.66 -12.01
C ARG A 253 8.27 3.56 -13.42
N LEU A 254 8.94 2.77 -14.25
CA LEU A 254 8.45 2.44 -15.57
C LEU A 254 8.26 0.93 -15.54
N GLY A 255 7.10 0.45 -15.99
CA GLY A 255 6.75 -0.96 -15.86
C GLY A 255 5.87 -1.49 -16.98
N TYR A 256 6.16 -2.72 -17.40
CA TYR A 256 5.43 -3.43 -18.45
C TYR A 256 5.10 -4.82 -17.92
N TYR A 257 4.02 -5.41 -18.41
CA TYR A 257 3.72 -6.82 -18.14
C TYR A 257 2.94 -7.46 -19.27
N TYR A 258 2.93 -8.78 -19.30
CA TYR A 258 2.15 -9.53 -20.29
C TYR A 258 1.84 -10.93 -19.77
N SER A 259 0.78 -11.53 -20.30
CA SER A 259 0.39 -12.91 -20.00
C SER A 259 0.94 -13.90 -21.04
N THR A 260 0.69 -15.19 -20.83
CA THR A 260 1.09 -16.22 -21.80
C THR A 260 -0.07 -17.16 -22.17
N SER A 287 -4.25 -12.03 -25.44
CA SER A 287 -3.27 -12.12 -24.37
C SER A 287 -3.28 -10.85 -23.53
N LYS A 288 -3.46 -11.00 -22.22
CA LYS A 288 -3.42 -9.88 -21.30
C LYS A 288 -2.07 -9.21 -21.33
N HIS A 289 -2.06 -7.88 -21.24
CA HIS A 289 -0.83 -7.11 -21.04
C HIS A 289 -1.15 -5.72 -20.53
N GLY A 290 -0.11 -4.92 -20.34
CA GLY A 290 -0.29 -3.54 -19.89
C GLY A 290 0.98 -2.91 -19.39
N TRP A 291 0.88 -1.69 -18.88
CA TRP A 291 2.07 -0.97 -18.45
C TRP A 291 1.69 0.14 -17.48
N TRP A 292 2.71 0.78 -16.92
CA TRP A 292 2.46 1.81 -15.94
C TRP A 292 3.70 2.66 -15.76
N VAL A 293 3.46 3.92 -15.39
CA VAL A 293 4.52 4.87 -15.07
C VAL A 293 4.10 5.58 -13.81
N VAL A 294 5.07 5.84 -12.95
CA VAL A 294 4.85 6.46 -11.65
C VAL A 294 5.98 7.44 -11.44
N ALA A 295 5.66 8.66 -11.00
CA ALA A 295 6.65 9.65 -10.58
C ALA A 295 6.21 10.23 -9.25
N GLN A 296 7.13 10.38 -8.31
CA GLN A 296 6.83 11.09 -7.07
C GLN A 296 8.10 11.87 -6.78
N GLN A 297 7.97 13.12 -6.31
CA GLN A 297 9.16 13.91 -6.01
C GLN A 297 8.93 14.90 -4.87
N GLN A 298 9.95 15.07 -4.03
CA GLN A 298 9.95 16.03 -2.96
C GLN A 298 10.51 17.31 -3.53
N VAL A 299 9.66 18.33 -3.62
CA VAL A 299 10.06 19.55 -4.33
C VAL A 299 10.55 20.61 -3.39
N THR A 300 10.07 20.58 -2.14
CA THR A 300 10.51 21.55 -1.13
C THR A 300 10.92 20.88 0.18
N ALA A 301 11.92 21.44 0.85
CA ALA A 301 12.34 20.94 2.16
C ALA A 301 12.35 22.07 3.20
N HIS A 302 11.31 22.06 4.03
CA HIS A 302 10.95 23.18 4.91
C HIS A 302 12.08 23.70 5.78
N GLY A 303 13.10 24.24 5.11
CA GLY A 303 14.23 24.89 5.74
C GLY A 303 14.66 24.39 7.11
N GLY A 304 15.51 23.38 7.15
CA GLY A 304 15.87 22.58 5.99
C GLY A 304 15.65 21.14 6.43
N ASP A 305 14.65 20.97 7.28
CA ASP A 305 14.20 19.66 7.74
C ASP A 305 13.70 18.90 6.51
N VAL A 306 14.55 18.05 5.96
CA VAL A 306 14.26 17.26 4.76
C VAL A 306 12.98 16.44 4.88
N ASN A 307 12.50 16.28 6.12
CA ASN A 307 11.32 15.47 6.44
C ASN A 307 10.06 16.33 6.58
N ARG A 308 10.13 17.56 6.07
CA ARG A 308 9.00 18.50 6.05
C ARG A 308 9.01 19.28 4.73
N GLY A 309 7.88 19.35 4.04
CA GLY A 309 7.83 20.05 2.76
C GLY A 309 6.74 19.60 1.77
N LEU A 310 6.86 20.06 0.52
CA LEU A 310 5.91 19.69 -0.53
C LEU A 310 6.42 18.54 -1.41
N SER A 311 5.52 17.61 -1.74
CA SER A 311 5.85 16.54 -2.68
C SER A 311 4.69 16.29 -3.63
N LEU A 312 5.01 15.95 -4.88
CA LEU A 312 3.96 15.81 -5.86
C LEU A 312 4.15 14.48 -6.48
N PHE A 313 3.06 13.89 -6.93
CA PHE A 313 3.11 12.57 -7.54
C PHE A 313 2.11 12.40 -8.65
N ALA A 314 2.50 11.71 -9.70
CA ALA A 314 1.53 11.29 -10.68
C ALA A 314 1.74 9.80 -10.88
N ASN A 315 0.65 9.10 -11.18
CA ASN A 315 0.70 7.68 -11.48
C ASN A 315 -0.20 7.40 -12.68
N PHE A 316 0.29 6.63 -13.64
CA PHE A 316 -0.59 6.13 -14.69
C PHE A 316 -0.42 4.61 -14.81
N THR A 317 -1.54 3.88 -14.94
CA THR A 317 -1.50 2.43 -15.18
C THR A 317 -2.49 1.98 -16.25
N VAL A 318 -2.10 1.01 -17.08
CA VAL A 318 -2.97 0.48 -18.13
C VAL A 318 -3.15 -1.05 -18.10
N HIS A 319 -4.39 -1.50 -18.28
CA HIS A 319 -4.73 -2.92 -18.26
C HIS A 319 -5.61 -3.28 -19.44
N ASP A 320 -5.09 -4.03 -20.41
CA ASP A 320 -5.93 -4.52 -21.51
C ASP A 320 -6.32 -5.98 -21.30
N LYS A 321 -7.31 -6.46 -22.07
CA LYS A 321 -7.61 -7.89 -22.15
C LYS A 321 -8.18 -8.30 -23.51
N VAL A 326 -9.72 -2.73 -22.65
CA VAL A 326 -8.63 -1.95 -22.10
C VAL A 326 -9.04 -0.95 -20.98
N ASP A 327 -8.32 -0.97 -19.86
CA ASP A 327 -8.61 -0.10 -18.70
C ASP A 327 -7.51 0.91 -18.39
N ASN A 328 -7.91 2.10 -17.97
CA ASN A 328 -6.96 3.10 -17.52
C ASN A 328 -7.15 3.48 -16.07
N TYR A 329 -6.05 3.82 -15.42
CA TYR A 329 -6.12 4.50 -14.14
C TYR A 329 -5.06 5.59 -14.09
N GLN A 330 -5.48 6.78 -13.65
CA GLN A 330 -4.63 7.95 -13.59
C GLN A 330 -4.79 8.61 -12.22
N GLN A 331 -3.70 9.07 -11.64
CA GLN A 331 -3.78 9.70 -10.34
C GLN A 331 -2.69 10.76 -10.25
N VAL A 332 -3.06 11.90 -9.68
CA VAL A 332 -2.23 13.08 -9.68
C VAL A 332 -2.47 13.72 -8.29
N GLY A 333 -1.46 14.27 -7.66
CA GLY A 333 -1.67 14.78 -6.33
C GLY A 333 -0.45 15.43 -5.72
N LEU A 334 -0.67 16.11 -4.62
CA LEU A 334 0.42 16.75 -3.89
C LEU A 334 0.18 16.47 -2.42
N VAL A 335 1.23 16.36 -1.64
CA VAL A 335 1.09 16.21 -0.20
C VAL A 335 2.15 17.06 0.48
N TYR A 336 1.76 17.84 1.50
CA TYR A 336 2.70 18.61 2.32
C TYR A 336 2.79 17.93 3.67
N LYS A 337 4.01 17.60 4.10
CA LYS A 337 4.20 17.01 5.42
C LYS A 337 4.75 18.04 6.39
N GLY A 338 4.02 18.25 7.48
CA GLY A 338 4.47 19.17 8.50
C GLY A 338 4.38 20.65 8.12
N ALA A 339 3.18 21.10 7.79
CA ALA A 339 2.93 22.52 7.50
C ALA A 339 3.33 23.35 8.70
N PHE A 340 2.42 23.43 9.66
CA PHE A 340 2.66 24.16 10.90
C PHE A 340 3.65 23.42 11.77
N ASP A 341 4.52 24.14 12.47
CA ASP A 341 5.59 23.49 13.22
C ASP A 341 5.06 22.81 14.50
N ALA A 342 3.86 23.19 14.91
CA ALA A 342 3.17 22.52 16.03
C ALA A 342 2.98 21.01 15.79
N ARG A 343 2.50 20.64 14.60
CA ARG A 343 2.30 19.24 14.24
C ARG A 343 3.22 18.87 13.07
N PRO A 344 4.54 18.72 13.35
CA PRO A 344 5.59 18.58 12.33
C PRO A 344 5.61 17.25 11.58
N LYS A 345 4.76 16.32 11.98
CA LYS A 345 4.77 15.02 11.36
C LYS A 345 3.44 14.74 10.68
N ASP A 346 2.52 15.70 10.75
CA ASP A 346 1.22 15.57 10.09
C ASP A 346 1.36 15.88 8.61
N ASP A 347 0.50 15.29 7.77
CA ASP A 347 0.47 15.71 6.37
C ASP A 347 -0.91 16.20 5.90
N ILE A 348 -0.90 17.06 4.89
CA ILE A 348 -2.13 17.46 4.20
C ILE A 348 -1.94 16.97 2.78
N GLY A 349 -2.97 16.33 2.22
CA GLY A 349 -2.88 15.82 0.88
C GLY A 349 -4.09 16.13 0.02
N PHE A 350 -3.83 16.40 -1.25
CA PHE A 350 -4.90 16.52 -2.24
C PHE A 350 -4.58 15.72 -3.50
N GLY A 351 -5.59 15.05 -4.04
CA GLY A 351 -5.39 14.30 -5.27
C GLY A 351 -6.65 14.07 -6.07
N VAL A 352 -6.46 13.86 -7.37
CA VAL A 352 -7.53 13.72 -8.33
C VAL A 352 -7.28 12.41 -9.02
N ALA A 353 -8.31 11.66 -9.36
CA ALA A 353 -8.10 10.39 -10.03
C ALA A 353 -9.12 10.05 -11.11
N ARG A 354 -8.66 9.95 -12.35
CA ARG A 354 -9.50 9.45 -13.42
C ARG A 354 -9.35 7.93 -13.58
N ILE A 355 -10.49 7.23 -13.61
CA ILE A 355 -10.55 5.79 -13.78
C ILE A 355 -11.45 5.50 -14.97
N HIS A 356 -10.97 4.70 -15.92
CA HIS A 356 -11.65 4.55 -17.20
C HIS A 356 -11.73 3.08 -17.59
N VAL A 357 -12.88 2.67 -18.13
CA VAL A 357 -13.08 1.29 -18.58
C VAL A 357 -13.72 1.27 -19.96
N ASN A 358 -12.94 0.98 -21.00
CA ASN A 358 -13.47 0.99 -22.36
C ASN A 358 -13.10 -0.28 -23.13
N GLN A 386 -17.76 1.90 -22.37
CA GLN A 386 -17.08 3.11 -21.89
C GLN A 386 -17.73 3.70 -20.63
N ARG A 387 -17.00 3.64 -19.52
CA ARG A 387 -17.49 4.05 -18.21
C ARG A 387 -16.34 4.71 -17.46
N THR A 388 -16.48 6.01 -17.22
CA THR A 388 -15.44 6.78 -16.53
C THR A 388 -15.91 7.18 -15.14
N GLU A 389 -14.95 7.40 -14.24
CA GLU A 389 -15.27 7.96 -12.93
C GLU A 389 -14.14 8.88 -12.44
N TYR A 390 -14.53 10.03 -11.87
CA TYR A 390 -13.59 11.02 -11.34
C TYR A 390 -13.62 11.05 -9.80
N ASN A 391 -12.44 11.17 -9.21
CA ASN A 391 -12.29 10.96 -7.77
C ASN A 391 -11.34 12.03 -7.24
N ALA A 392 -11.84 12.87 -6.34
CA ALA A 392 -11.03 13.95 -5.81
C ALA A 392 -11.01 13.76 -4.31
N GLU A 393 -9.85 13.89 -3.70
CA GLU A 393 -9.76 13.65 -2.27
C GLU A 393 -8.87 14.66 -1.56
N LEU A 394 -9.37 15.18 -0.45
CA LEU A 394 -8.62 16.05 0.45
C LEU A 394 -8.54 15.38 1.80
N TYR A 395 -7.33 15.29 2.36
CA TYR A 395 -7.15 14.61 3.65
C TYR A 395 -6.12 15.24 4.58
N TYR A 396 -6.42 15.18 5.88
CA TYR A 396 -5.48 15.57 6.91
C TYR A 396 -5.04 14.32 7.67
N GLY A 397 -3.75 14.23 7.92
CA GLY A 397 -3.19 13.05 8.54
C GLY A 397 -2.52 13.36 9.87
N PHE A 398 -3.20 13.01 10.95
CA PHE A 398 -2.64 13.16 12.27
C PHE A 398 -1.59 12.08 12.57
N HIS A 399 -0.37 12.51 12.85
CA HIS A 399 0.63 11.62 13.39
C HIS A 399 0.50 11.64 14.90
N VAL A 400 -0.37 10.78 15.42
CA VAL A 400 -0.66 10.70 16.85
C VAL A 400 0.56 10.17 17.56
N THR A 401 1.22 9.21 16.93
CA THR A 401 2.45 8.64 17.44
C THR A 401 3.04 7.69 16.42
N ASN A 402 4.28 7.26 16.65
CA ASN A 402 4.94 6.39 15.69
C ASN A 402 4.24 5.05 15.43
N TRP A 403 3.21 4.75 16.21
CA TRP A 403 2.39 3.58 15.95
C TRP A 403 0.95 3.91 15.59
N LEU A 404 0.52 5.14 15.82
CA LEU A 404 -0.86 5.52 15.49
C LEU A 404 -0.89 6.61 14.42
N THR A 405 -1.77 6.46 13.45
CA THR A 405 -2.06 7.57 12.57
C THR A 405 -3.57 7.67 12.38
N VAL A 406 -4.11 8.87 12.48
CA VAL A 406 -5.54 9.07 12.21
C VAL A 406 -5.71 10.08 11.10
N ARG A 407 -6.38 9.66 10.03
CA ARG A 407 -6.52 10.46 8.82
C ARG A 407 -7.97 10.67 8.42
N PRO A 408 -8.55 11.81 8.83
CA PRO A 408 -9.90 12.18 8.40
C PRO A 408 -9.81 12.73 7.01
N ASN A 409 -10.85 12.53 6.21
CA ASN A 409 -10.79 12.85 4.79
C ASN A 409 -12.17 13.13 4.20
N LEU A 410 -12.17 13.87 3.12
CA LEU A 410 -13.41 14.22 2.46
C LEU A 410 -13.14 13.95 1.00
N GLN A 411 -14.11 13.37 0.30
CA GLN A 411 -13.89 13.11 -1.12
C GLN A 411 -15.11 13.19 -2.01
N TYR A 412 -14.91 13.73 -3.21
CA TYR A 412 -16.01 13.92 -4.14
C TYR A 412 -15.84 12.99 -5.33
N ILE A 413 -16.87 12.19 -5.59
CA ILE A 413 -16.81 11.15 -6.63
C ILE A 413 -17.87 11.42 -7.69
N LYS A 414 -17.55 11.20 -8.95
CA LYS A 414 -18.53 11.44 -10.02
C LYS A 414 -18.35 10.53 -11.23
N SER A 415 -19.44 10.30 -11.96
CA SER A 415 -19.47 9.44 -13.15
C SER A 415 -20.16 10.13 -14.35
N ASN A 424 -22.35 10.37 -8.65
CA ASN A 424 -22.13 11.73 -8.15
C ASN A 424 -22.45 11.90 -6.66
N ALA A 425 -21.47 11.72 -5.76
CA ALA A 425 -21.71 11.90 -4.32
C ALA A 425 -20.50 12.41 -3.50
N LEU A 426 -20.80 13.02 -2.37
CA LEU A 426 -19.80 13.71 -1.58
C LEU A 426 -19.54 12.84 -0.38
N VAL A 427 -18.30 12.47 -0.12
CA VAL A 427 -18.04 11.52 0.95
C VAL A 427 -17.11 12.03 2.08
N ALA A 428 -17.54 11.82 3.32
CA ALA A 428 -16.72 12.08 4.52
C ALA A 428 -16.22 10.75 5.02
N GLY A 429 -14.96 10.70 5.46
CA GLY A 429 -14.39 9.47 5.97
C GLY A 429 -13.26 9.68 6.95
N MSE A 430 -12.93 8.63 7.70
CA MSE A 430 -11.74 8.62 8.52
C MSE A 430 -11.07 7.26 8.38
O MSE A 430 -11.73 6.23 8.29
CB MSE A 430 -12.08 8.88 9.98
CG MSE A 430 -10.93 9.44 10.79
SE MSE A 430 -11.51 10.12 12.54
CE MSE A 430 -10.68 11.90 12.56
N LYS A 431 -9.74 7.25 8.32
CA LYS A 431 -9.01 6.00 8.39
C LYS A 431 -8.23 6.06 9.68
N MSE A 432 -7.90 4.91 10.23
CA MSE A 432 -6.80 4.89 11.19
C MSE A 432 -5.96 3.63 11.07
O MSE A 432 -6.46 2.56 10.70
CB MSE A 432 -7.23 5.10 12.65
CG MSE A 432 -8.56 4.49 13.05
SE MSE A 432 -8.42 3.75 14.83
CE MSE A 432 -7.28 5.06 15.68
N GLN A 433 -4.69 3.78 11.37
CA GLN A 433 -3.74 2.68 11.22
C GLN A 433 -2.93 2.61 12.48
N SER A 434 -3.07 1.53 13.25
CA SER A 434 -2.10 1.27 14.32
C SER A 434 -1.33 -0.03 14.05
N SER A 435 -0.06 -0.05 14.46
CA SER A 435 0.75 -1.25 14.41
C SER A 435 0.96 -1.72 15.86
N PHE A 436 0.50 -2.94 16.17
CA PHE A 436 0.75 -3.51 17.49
C PHE A 436 2.23 -3.88 17.61
C1 C8E B . 13.37 18.99 -7.15
C2 C8E B . 12.61 19.40 -8.43
C3 C8E B . 11.91 18.22 -9.14
C4 C8E B . 10.84 18.61 -10.16
C5 C8E B . 9.49 17.95 -9.82
C6 C8E B . 9.17 16.71 -10.65
C7 C8E B . 7.96 16.00 -10.04
C8 C8E B . 7.20 15.11 -11.01
O9 C8E B . 5.99 14.77 -10.37
C10 C8E B . 4.83 15.06 -11.12
C11 C8E B . 3.90 16.05 -10.39
O12 C8E B . 2.64 16.18 -11.05
C13 C8E B . 1.82 17.18 -10.49
C14 C8E B . 0.63 16.61 -9.73
O15 C8E B . -0.45 17.52 -9.80
C16 C8E B . -0.91 18.00 -8.54
C17 C8E B . -2.44 17.97 -8.50
O18 C8E B . -3.01 18.36 -7.27
C1 C8E C . 16.42 14.57 -12.79
C2 C8E C . 14.96 14.35 -13.23
C3 C8E C . 14.58 12.88 -13.11
C4 C8E C . 13.38 12.45 -13.98
C5 C8E C . 12.37 13.57 -14.17
C6 C8E C . 11.01 13.01 -14.58
C7 C8E C . 10.01 14.12 -14.90
C8 C8E C . 8.60 13.77 -14.42
O9 C8E C . 7.66 14.84 -14.61
C10 C8E C . 6.33 14.35 -14.46
C11 C8E C . 5.38 15.05 -15.42
O12 C8E C . 4.08 14.47 -15.37
C13 C8E C . 3.10 15.40 -14.93
C14 C8E C . 1.78 15.25 -15.69
O15 C8E C . 0.72 15.53 -14.80
C16 C8E C . -0.54 15.18 -15.35
C17 C8E C . -1.31 16.44 -15.76
O18 C8E C . -1.73 17.14 -14.62
C2 C8E D . 29.18 -7.51 -8.22
C3 C8E D . 27.68 -7.36 -8.01
C4 C8E D . 26.94 -7.50 -9.34
C5 C8E D . 26.15 -8.81 -9.43
C6 C8E D . 25.48 -8.98 -10.79
C7 C8E D . 24.51 -10.16 -10.82
C8 C8E D . 24.07 -10.49 -12.25
O9 C8E D . 22.68 -10.81 -12.33
C10 C8E D . 22.02 -10.46 -13.55
C11 C8E D . 20.56 -10.23 -13.21
O12 C8E D . 19.65 -10.39 -14.29
C13 C8E D . 18.33 -10.73 -13.85
C14 C8E D . 17.44 -11.22 -14.99
O15 C8E D . 17.16 -12.62 -14.94
C16 C8E D . 15.79 -12.91 -14.70
C17 C8E D . 15.12 -13.61 -15.88
O18 C8E D . 14.16 -14.54 -15.43
C19 C8E D . 12.96 -14.00 -14.87
C20 C8E D . 11.93 -13.67 -15.95
O21 C8E D . 10.66 -14.26 -15.73
C7 C8E E . -6.20 0.72 18.37
C8 C8E E . -6.89 0.17 17.12
O9 C8E E . -7.47 -1.12 17.31
C10 C8E E . -8.83 -1.16 16.92
C11 C8E E . -9.45 -2.54 17.19
O12 C8E E . -10.87 -2.44 17.19
C13 C8E E . -11.50 -3.65 16.77
C17 C8E E . -14.57 1.20 13.61
O18 C8E E . -13.35 1.89 13.36
C19 C8E E . -13.53 3.28 13.14
C20 C8E E . -12.23 3.93 12.65
O21 C8E E . -12.09 5.24 13.16
#